data_4PMP
#
_entry.id   4PMP
#
_cell.length_a   75.543
_cell.length_b   75.543
_cell.length_c   112.508
_cell.angle_alpha   90.000
_cell.angle_beta   90.000
_cell.angle_gamma   120.000
#
_symmetry.space_group_name_H-M   'P 64'
#
loop_
_entity.id
_entity.type
_entity.pdbx_description
1 polymer 'High affinity nerve growth factor receptor'
2 non-polymer 1-cyclopropyl-1-[3-(1,3-thiazol-2-yl)benzyl]-3-[4-(trifluoromethoxy)phenyl]urea
3 non-polymer 'CHLORIDE ION'
4 non-polymer 'ACETATE ION'
5 water water
#
_entity_poly.entity_id   1
_entity_poly.type   'polypeptide(L)'
_entity_poly.pdbx_seq_one_letter_code
;CVHHIKRRDIVLKWELGEGAFGKVFLAECHNLLPEQDKMLVAVKALKEASESARQDFQREAELLTMLQHQHIVRFFGVCT
EGRPLLMVFEYMRHGDLNRFLRSHGPDAKLLAGGEDVAPGPLGLGQLLAVASQVAAGMVYLAGLHFVHRDLATRNCLVGQ
GLVVKIGDFGMSRDIYSTDYYRVGGRTMLPIRWMPPESILYRKFTTESDVWSFGVVLWEIFTYGKQPWYQLSNTEAIDCI
TQGRELERPRACPPEVYAIMRGCWQREPQQRHSIKDVHARLQALAQAHHHH
;
_entity_poly.pdbx_strand_id   A
#
# COMPACT_ATOMS: atom_id res chain seq x y z
N CYS A 1 20.07 3.54 -17.53
CA CYS A 1 19.90 2.47 -16.55
C CYS A 1 18.51 1.80 -16.65
N VAL A 2 17.51 2.52 -17.19
CA VAL A 2 16.13 2.06 -17.36
C VAL A 2 16.08 0.95 -18.44
N HIS A 3 15.53 -0.23 -18.09
CA HIS A 3 15.40 -1.35 -19.03
C HIS A 3 14.26 -1.10 -20.00
N HIS A 4 14.52 -1.33 -21.30
CA HIS A 4 13.53 -1.14 -22.36
C HIS A 4 12.99 -2.49 -22.84
N ILE A 5 11.69 -2.55 -23.11
CA ILE A 5 10.97 -3.77 -23.53
C ILE A 5 10.27 -3.51 -24.87
N LYS A 6 10.42 -4.44 -25.82
CA LYS A 6 9.81 -4.35 -27.15
C LYS A 6 8.30 -4.54 -27.04
N ARG A 7 7.53 -3.74 -27.80
CA ARG A 7 6.06 -3.78 -27.82
C ARG A 7 5.51 -5.15 -28.26
N ARG A 8 6.25 -5.85 -29.14
CA ARG A 8 5.92 -7.17 -29.67
C ARG A 8 5.90 -8.22 -28.53
N ASP A 9 6.76 -8.03 -27.52
CA ASP A 9 6.89 -8.92 -26.39
C ASP A 9 5.78 -8.74 -25.32
N ILE A 10 4.91 -7.73 -25.48
CA ILE A 10 3.81 -7.51 -24.53
C ILE A 10 2.48 -7.92 -25.17
N VAL A 11 1.82 -8.96 -24.62
CA VAL A 11 0.52 -9.42 -25.09
C VAL A 11 -0.53 -9.10 -24.01
N LEU A 12 -1.31 -8.02 -24.24
CA LEU A 12 -2.36 -7.56 -23.33
C LEU A 12 -3.46 -8.64 -23.20
N LYS A 13 -3.89 -8.94 -21.96
CA LYS A 13 -4.94 -9.93 -21.72
C LYS A 13 -6.27 -9.23 -21.51
N TRP A 14 -6.30 -8.25 -20.57
CA TRP A 14 -7.47 -7.44 -20.23
C TRP A 14 -7.12 -6.25 -19.35
N GLU A 15 -7.99 -5.24 -19.37
CA GLU A 15 -7.84 -4.04 -18.58
C GLU A 15 -8.34 -4.31 -17.17
N LEU A 16 -7.45 -4.12 -16.18
CA LEU A 16 -7.75 -4.32 -14.77
C LEU A 16 -8.51 -3.10 -14.20
N GLY A 17 -8.09 -1.90 -14.60
CA GLY A 17 -8.69 -0.64 -14.16
C GLY A 17 -8.04 0.57 -14.81
N GLU A 18 -8.63 1.74 -14.61
CA GLU A 18 -8.09 2.98 -15.17
C GLU A 18 -8.41 4.20 -14.30
N GLY A 19 -7.54 5.18 -14.39
CA GLY A 19 -7.66 6.46 -13.70
C GLY A 19 -7.65 7.57 -14.73
N ALA A 20 -7.43 8.82 -14.27
CA ALA A 20 -7.40 9.99 -15.15
C ALA A 20 -6.21 10.02 -16.10
N PHE A 21 -5.03 9.51 -15.67
CA PHE A 21 -3.82 9.57 -16.49
C PHE A 21 -3.20 8.21 -16.86
N GLY A 22 -3.86 7.11 -16.46
CA GLY A 22 -3.33 5.77 -16.77
C GLY A 22 -4.34 4.66 -16.78
N LYS A 23 -4.01 3.57 -17.50
CA LYS A 23 -4.81 2.35 -17.63
C LYS A 23 -3.91 1.19 -17.20
N VAL A 24 -4.39 0.26 -16.35
CA VAL A 24 -3.61 -0.88 -15.89
C VAL A 24 -4.17 -2.15 -16.51
N PHE A 25 -3.31 -2.94 -17.17
CA PHE A 25 -3.69 -4.19 -17.83
C PHE A 25 -2.96 -5.37 -17.27
N LEU A 26 -3.57 -6.56 -17.38
CA LEU A 26 -2.95 -7.82 -17.06
C LEU A 26 -2.40 -8.17 -18.45
N ALA A 27 -1.17 -8.66 -18.52
CA ALA A 27 -0.58 -8.99 -19.81
C ALA A 27 0.40 -10.12 -19.64
N GLU A 28 0.85 -10.66 -20.76
CA GLU A 28 1.86 -11.70 -20.78
C GLU A 28 3.07 -11.00 -21.42
N CYS A 29 4.27 -11.28 -20.91
CA CYS A 29 5.50 -10.69 -21.42
C CYS A 29 6.46 -11.80 -21.83
N HIS A 30 6.98 -11.70 -23.05
CA HIS A 30 7.90 -12.66 -23.61
C HIS A 30 9.33 -12.15 -23.51
N ASN A 31 10.30 -13.07 -23.38
CA ASN A 31 11.75 -12.82 -23.28
C ASN A 31 12.11 -11.81 -22.17
N LEU A 32 11.49 -11.95 -20.99
CA LEU A 32 11.73 -11.09 -19.83
C LEU A 32 12.64 -11.83 -18.85
N LEU A 33 12.48 -13.17 -18.78
CA LEU A 33 13.27 -14.08 -17.92
C LEU A 33 14.31 -14.80 -18.77
N LYS A 38 6.78 -16.93 -21.77
CA LYS A 38 5.54 -16.52 -21.13
C LYS A 38 5.75 -16.19 -19.65
N MET A 39 5.22 -15.03 -19.23
CA MET A 39 5.29 -14.51 -17.87
C MET A 39 4.16 -13.49 -17.72
N LEU A 40 3.36 -13.60 -16.64
CA LEU A 40 2.28 -12.62 -16.43
C LEU A 40 2.87 -11.37 -15.81
N VAL A 41 2.37 -10.20 -16.22
CA VAL A 41 2.82 -8.90 -15.72
C VAL A 41 1.63 -7.93 -15.66
N ALA A 42 1.79 -6.84 -14.90
CA ALA A 42 0.79 -5.78 -14.82
C ALA A 42 1.42 -4.66 -15.62
N VAL A 43 0.66 -4.10 -16.56
CA VAL A 43 1.19 -3.05 -17.43
C VAL A 43 0.43 -1.77 -17.24
N LYS A 44 1.14 -0.66 -16.96
CA LYS A 44 0.49 0.64 -16.85
C LYS A 44 0.71 1.33 -18.23
N ALA A 45 -0.37 1.85 -18.82
CA ALA A 45 -0.34 2.57 -20.08
C ALA A 45 -0.69 4.03 -19.78
N LEU A 46 0.15 4.97 -20.24
CA LEU A 46 -0.03 6.40 -20.04
C LEU A 46 -1.10 6.94 -21.01
N LYS A 47 -2.06 7.73 -20.49
CA LYS A 47 -3.12 8.30 -21.32
C LYS A 47 -2.65 9.49 -22.15
N SER A 52 4.41 18.12 -18.45
CA SER A 52 3.97 17.21 -19.49
C SER A 52 3.92 15.74 -19.01
N ALA A 53 3.20 14.86 -19.75
CA ALA A 53 3.05 13.43 -19.45
C ALA A 53 4.43 12.77 -19.46
N ARG A 54 5.21 13.04 -20.53
CA ARG A 54 6.59 12.55 -20.69
C ARG A 54 7.44 13.42 -19.74
N GLN A 55 8.70 13.02 -19.47
CA GLN A 55 9.64 13.68 -18.54
C GLN A 55 9.23 13.31 -17.11
N ASP A 56 7.91 13.34 -16.80
CA ASP A 56 7.34 12.91 -15.51
C ASP A 56 7.40 11.39 -15.51
N PHE A 57 7.13 10.75 -16.68
CA PHE A 57 7.19 9.31 -16.94
C PHE A 57 8.66 8.89 -16.83
N GLN A 58 9.57 9.71 -17.42
CA GLN A 58 11.02 9.47 -17.41
C GLN A 58 11.62 9.51 -16.01
N ARG A 59 11.19 10.50 -15.18
CA ARG A 59 11.66 10.63 -13.80
C ARG A 59 11.15 9.42 -13.00
N GLU A 60 9.87 9.05 -13.21
CA GLU A 60 9.20 7.91 -12.58
C GLU A 60 9.97 6.61 -12.89
N ALA A 61 10.25 6.34 -14.19
CA ALA A 61 10.98 5.15 -14.64
C ALA A 61 12.34 5.02 -13.96
N GLU A 62 13.10 6.14 -13.86
CA GLU A 62 14.43 6.17 -13.23
C GLU A 62 14.34 5.82 -11.74
N LEU A 63 13.32 6.38 -11.06
CA LEU A 63 13.03 6.16 -9.65
C LEU A 63 12.65 4.69 -9.42
N LEU A 64 11.77 4.12 -10.27
CA LEU A 64 11.33 2.74 -10.11
C LEU A 64 12.42 1.71 -10.41
N THR A 65 13.42 2.10 -11.23
CA THR A 65 14.56 1.26 -11.58
C THR A 65 15.49 1.22 -10.36
N MET A 66 15.59 2.33 -9.62
CA MET A 66 16.48 2.36 -8.45
C MET A 66 15.85 1.69 -7.22
N LEU A 67 14.53 1.83 -7.00
CA LEU A 67 13.83 1.22 -5.86
C LEU A 67 13.79 -0.28 -6.11
N GLN A 68 14.61 -1.03 -5.39
CA GLN A 68 14.70 -2.47 -5.56
C GLN A 68 14.73 -3.14 -4.20
N HIS A 69 13.66 -3.87 -3.84
CA HIS A 69 13.60 -4.53 -2.53
C HIS A 69 12.55 -5.61 -2.55
N GLN A 70 12.73 -6.64 -1.73
CA GLN A 70 11.79 -7.77 -1.63
C GLN A 70 10.34 -7.32 -1.29
N HIS A 71 10.16 -6.15 -0.63
CA HIS A 71 8.79 -5.74 -0.30
C HIS A 71 8.34 -4.45 -1.01
N ILE A 72 8.91 -4.20 -2.20
CA ILE A 72 8.53 -3.13 -3.12
C ILE A 72 8.17 -3.88 -4.41
N VAL A 73 6.99 -3.62 -4.98
CA VAL A 73 6.57 -4.32 -6.20
CA VAL A 73 6.54 -4.26 -6.21
C VAL A 73 7.68 -4.16 -7.27
N ARG A 74 8.02 -5.28 -7.92
CA ARG A 74 9.09 -5.32 -8.93
C ARG A 74 8.69 -4.59 -10.18
N PHE A 75 9.57 -3.69 -10.65
CA PHE A 75 9.41 -2.89 -11.86
C PHE A 75 10.40 -3.51 -12.86
N PHE A 76 9.90 -3.91 -14.03
CA PHE A 76 10.71 -4.58 -15.07
C PHE A 76 11.26 -3.66 -16.15
N GLY A 77 10.61 -2.52 -16.33
CA GLY A 77 11.03 -1.56 -17.34
C GLY A 77 9.92 -0.86 -18.07
N VAL A 78 10.30 -0.21 -19.18
CA VAL A 78 9.36 0.58 -19.98
C VAL A 78 9.30 0.14 -21.46
N CYS A 79 8.31 0.65 -22.19
CA CYS A 79 8.14 0.50 -23.63
C CYS A 79 7.86 1.91 -24.11
N THR A 80 8.87 2.51 -24.76
CA THR A 80 8.83 3.89 -25.27
C THR A 80 8.70 3.97 -26.80
N GLU A 81 9.16 2.93 -27.54
CA GLU A 81 9.06 2.90 -29.00
C GLU A 81 7.63 2.52 -29.38
N GLY A 82 6.83 3.56 -29.58
CA GLY A 82 5.40 3.45 -29.92
C GLY A 82 4.54 4.24 -28.98
N ARG A 83 3.22 4.20 -29.21
CA ARG A 83 2.22 4.90 -28.40
C ARG A 83 1.08 3.95 -27.99
N PRO A 84 0.61 3.96 -26.71
CA PRO A 84 1.05 4.80 -25.58
C PRO A 84 2.33 4.30 -24.92
N LEU A 85 2.86 5.09 -23.97
CA LEU A 85 4.06 4.72 -23.23
C LEU A 85 3.63 3.68 -22.18
N LEU A 86 4.44 2.65 -21.99
CA LEU A 86 4.14 1.56 -21.03
C LEU A 86 5.17 1.40 -19.92
N MET A 87 4.70 1.00 -18.73
CA MET A 87 5.51 0.67 -17.56
C MET A 87 5.10 -0.75 -17.20
N VAL A 88 6.08 -1.64 -17.06
CA VAL A 88 5.84 -3.06 -16.79
C VAL A 88 6.25 -3.44 -15.36
N PHE A 89 5.33 -4.06 -14.62
CA PHE A 89 5.53 -4.50 -13.22
C PHE A 89 5.17 -5.96 -13.08
N GLU A 90 5.65 -6.60 -12.00
CA GLU A 90 5.26 -8.00 -11.75
C GLU A 90 3.75 -8.06 -11.47
N TYR A 91 3.15 -9.21 -11.74
CA TYR A 91 1.73 -9.42 -11.49
C TYR A 91 1.56 -9.97 -10.09
N MET A 92 0.69 -9.33 -9.30
CA MET A 92 0.41 -9.72 -7.90
C MET A 92 -1.01 -10.22 -7.91
N ARG A 93 -1.11 -11.55 -7.99
CA ARG A 93 -2.35 -12.31 -8.21
C ARG A 93 -3.49 -12.01 -7.27
N HIS A 94 -3.17 -11.73 -6.01
CA HIS A 94 -4.22 -11.49 -5.03
C HIS A 94 -4.63 -10.05 -4.89
N GLY A 95 -4.24 -9.20 -5.86
CA GLY A 95 -4.62 -7.78 -5.97
C GLY A 95 -4.20 -6.86 -4.85
N ASP A 96 -4.92 -5.74 -4.70
CA ASP A 96 -4.57 -4.78 -3.64
C ASP A 96 -4.91 -5.33 -2.25
N LEU A 97 -4.11 -4.94 -1.24
CA LEU A 97 -4.27 -5.44 0.12
C LEU A 97 -5.59 -5.01 0.78
N ASN A 98 -6.14 -3.85 0.42
CA ASN A 98 -7.41 -3.48 1.05
C ASN A 98 -8.51 -4.47 0.66
N ARG A 99 -8.61 -4.77 -0.64
CA ARG A 99 -9.61 -5.73 -1.13
C ARG A 99 -9.32 -7.12 -0.56
N PHE A 100 -8.02 -7.50 -0.48
CA PHE A 100 -7.59 -8.78 0.07
C PHE A 100 -8.09 -8.92 1.52
N LEU A 101 -7.83 -7.89 2.36
CA LEU A 101 -8.30 -7.93 3.75
C LEU A 101 -9.82 -8.05 3.83
N ARG A 102 -10.53 -7.26 3.01
CA ARG A 102 -12.00 -7.25 3.00
C ARG A 102 -12.58 -8.60 2.56
N SER A 103 -11.84 -9.32 1.72
CA SER A 103 -12.31 -10.64 1.24
C SER A 103 -11.83 -11.81 2.14
N HIS A 104 -10.99 -11.50 3.15
CA HIS A 104 -10.46 -12.53 4.06
C HIS A 104 -10.70 -12.13 5.52
N GLY A 105 -11.88 -11.53 5.73
CA GLY A 105 -12.33 -11.03 7.02
C GLY A 105 -13.36 -11.92 7.69
N PRO A 106 -14.04 -11.42 8.75
CA PRO A 106 -15.04 -12.24 9.47
C PRO A 106 -16.18 -12.80 8.61
N ASP A 107 -16.53 -12.11 7.52
CA ASP A 107 -17.58 -12.52 6.57
C ASP A 107 -16.97 -13.21 5.30
N ALA A 108 -15.74 -13.73 5.42
CA ALA A 108 -15.07 -14.40 4.29
C ALA A 108 -15.90 -15.53 3.71
N LYS A 109 -16.51 -16.37 4.56
CA LYS A 109 -17.31 -17.51 4.11
C LYS A 109 -18.49 -17.06 3.26
N LEU A 110 -19.18 -15.98 3.67
CA LEU A 110 -20.32 -15.44 2.92
C LEU A 110 -19.90 -15.00 1.51
N LEU A 111 -18.77 -14.30 1.42
CA LEU A 111 -18.22 -13.76 0.18
C LEU A 111 -17.51 -14.76 -0.73
N ALA A 112 -17.01 -15.85 -0.14
CA ALA A 112 -16.22 -16.85 -0.87
C ALA A 112 -16.94 -17.59 -1.97
N GLY A 113 -16.17 -17.92 -3.01
CA GLY A 113 -16.64 -18.75 -4.11
C GLY A 113 -16.60 -20.17 -3.59
N GLY A 114 -17.41 -21.04 -4.19
CA GLY A 114 -17.52 -22.44 -3.76
C GLY A 114 -16.23 -23.21 -3.69
N GLU A 115 -15.29 -22.92 -4.58
CA GLU A 115 -13.99 -23.59 -4.66
C GLU A 115 -12.87 -22.91 -3.83
N ASP A 116 -13.14 -21.74 -3.21
CA ASP A 116 -12.08 -21.04 -2.46
C ASP A 116 -11.46 -21.92 -1.40
N VAL A 117 -10.15 -21.83 -1.25
CA VAL A 117 -9.42 -22.61 -0.24
C VAL A 117 -9.58 -22.00 1.17
N ALA A 118 -9.90 -22.87 2.16
CA ALA A 118 -10.12 -22.64 3.60
C ALA A 118 -10.69 -21.25 3.86
N PRO A 119 -11.91 -20.92 3.35
CA PRO A 119 -12.44 -19.55 3.54
C PRO A 119 -12.65 -19.26 5.02
N GLY A 120 -12.33 -18.05 5.38
CA GLY A 120 -12.46 -17.64 6.77
C GLY A 120 -11.57 -16.45 7.02
N PRO A 121 -11.71 -15.80 8.18
CA PRO A 121 -10.86 -14.63 8.44
C PRO A 121 -9.40 -15.01 8.62
N LEU A 122 -8.51 -14.11 8.21
CA LEU A 122 -7.07 -14.30 8.45
C LEU A 122 -6.87 -14.34 9.97
N GLY A 123 -5.96 -15.21 10.41
CA GLY A 123 -5.66 -15.32 11.84
C GLY A 123 -4.61 -14.31 12.25
N LEU A 124 -4.32 -14.23 13.57
CA LEU A 124 -3.33 -13.28 14.10
C LEU A 124 -1.96 -13.41 13.41
N GLY A 125 -1.44 -14.64 13.30
CA GLY A 125 -0.17 -14.91 12.64
C GLY A 125 -0.10 -14.31 11.24
N GLN A 126 -1.14 -14.53 10.43
CA GLN A 126 -1.22 -14.00 9.06
C GLN A 126 -1.27 -12.46 9.08
N LEU A 127 -2.07 -11.89 9.97
CA LEU A 127 -2.16 -10.42 10.06
C LEU A 127 -0.81 -9.81 10.44
N LEU A 128 -0.06 -10.45 11.36
CA LEU A 128 1.28 -9.95 11.74
C LEU A 128 2.25 -10.09 10.59
N ALA A 129 2.11 -11.17 9.80
CA ALA A 129 2.98 -11.41 8.65
C ALA A 129 2.74 -10.32 7.60
N VAL A 130 1.47 -9.93 7.39
CA VAL A 130 1.13 -8.86 6.43
C VAL A 130 1.78 -7.55 6.95
N ALA A 131 1.55 -7.24 8.23
CA ALA A 131 2.06 -6.00 8.86
C ALA A 131 3.57 -5.92 8.82
N SER A 132 4.25 -7.02 9.13
CA SER A 132 5.71 -7.04 9.15
C SER A 132 6.28 -6.78 7.76
N GLN A 133 5.65 -7.35 6.71
CA GLN A 133 6.14 -7.18 5.34
C GLN A 133 5.99 -5.74 4.88
N VAL A 134 4.83 -5.12 5.19
CA VAL A 134 4.65 -3.71 4.82
C VAL A 134 5.71 -2.87 5.58
N ALA A 135 5.89 -3.13 6.90
CA ALA A 135 6.90 -2.36 7.66
C ALA A 135 8.30 -2.55 7.03
N ALA A 136 8.63 -3.77 6.53
CA ALA A 136 9.95 -4.00 5.95
C ALA A 136 10.17 -3.12 4.71
N GLY A 137 9.14 -2.98 3.89
CA GLY A 137 9.22 -2.13 2.70
C GLY A 137 9.44 -0.68 3.10
N MET A 138 8.77 -0.25 4.18
CA MET A 138 8.90 1.13 4.68
C MET A 138 10.27 1.38 5.31
N VAL A 139 10.87 0.36 5.93
CA VAL A 139 12.24 0.49 6.49
C VAL A 139 13.21 0.83 5.32
N TYR A 140 13.05 0.10 4.22
CA TYR A 140 13.87 0.29 3.02
C TYR A 140 13.73 1.69 2.46
N LEU A 141 12.48 2.17 2.31
CA LEU A 141 12.23 3.51 1.79
C LEU A 141 12.80 4.57 2.70
N ALA A 142 12.63 4.43 4.04
CA ALA A 142 13.17 5.40 4.99
C ALA A 142 14.71 5.44 4.91
N GLY A 143 15.33 4.29 4.65
CA GLY A 143 16.78 4.18 4.53
C GLY A 143 17.31 4.99 3.36
N LEU A 144 16.48 5.16 2.32
CA LEU A 144 16.80 5.95 1.11
C LEU A 144 16.34 7.41 1.24
N HIS A 145 15.75 7.79 2.39
CA HIS A 145 15.20 9.14 2.62
C HIS A 145 14.09 9.41 1.58
N PHE A 146 13.35 8.35 1.23
CA PHE A 146 12.27 8.42 0.29
C PHE A 146 10.98 8.49 1.13
N VAL A 147 10.11 9.45 0.83
CA VAL A 147 8.84 9.65 1.51
C VAL A 147 7.79 9.20 0.53
N HIS A 148 7.01 8.19 0.91
CA HIS A 148 5.96 7.61 0.04
C HIS A 148 4.81 8.60 -0.20
N ARG A 149 4.25 9.18 0.89
CA ARG A 149 3.17 10.18 0.95
C ARG A 149 1.77 9.60 0.84
N ASP A 150 1.63 8.32 0.40
CA ASP A 150 0.30 7.73 0.29
C ASP A 150 0.28 6.28 0.70
N LEU A 151 0.88 5.99 1.85
CA LEU A 151 0.87 4.60 2.34
C LEU A 151 -0.53 4.27 2.85
N ALA A 152 -1.10 3.17 2.32
CA ALA A 152 -2.44 2.70 2.72
C ALA A 152 -2.57 1.30 2.14
N THR A 153 -3.47 0.46 2.68
CA THR A 153 -3.57 -0.91 2.15
C THR A 153 -3.95 -0.95 0.66
N ARG A 154 -4.71 0.05 0.17
CA ARG A 154 -5.09 0.10 -1.27
C ARG A 154 -3.82 0.23 -2.13
N ASN A 155 -2.71 0.75 -1.56
CA ASN A 155 -1.44 0.94 -2.26
C ASN A 155 -0.41 -0.16 -2.01
N CYS A 156 -0.83 -1.27 -1.38
CA CYS A 156 0.00 -2.45 -1.21
C CYS A 156 -0.62 -3.54 -2.07
N LEU A 157 0.21 -4.53 -2.46
CA LEU A 157 -0.23 -5.63 -3.32
C LEU A 157 0.04 -6.97 -2.68
N VAL A 158 -0.78 -7.97 -3.03
CA VAL A 158 -0.60 -9.27 -2.42
C VAL A 158 -0.38 -10.34 -3.53
N GLY A 159 0.67 -11.11 -3.39
CA GLY A 159 0.99 -12.19 -4.33
C GLY A 159 0.69 -13.54 -3.71
N GLN A 160 0.84 -14.64 -4.47
CA GLN A 160 0.55 -15.95 -3.88
C GLN A 160 1.52 -16.27 -2.72
N GLY A 161 1.03 -16.96 -1.70
CA GLY A 161 1.84 -17.30 -0.55
C GLY A 161 1.86 -16.16 0.49
N LEU A 162 0.84 -15.31 0.49
CA LEU A 162 0.73 -14.15 1.43
C LEU A 162 1.97 -13.21 1.32
N VAL A 163 2.49 -13.02 0.09
CA VAL A 163 3.64 -12.13 -0.13
C VAL A 163 3.04 -10.74 -0.27
N VAL A 164 3.51 -9.77 0.54
CA VAL A 164 2.93 -8.44 0.52
C VAL A 164 4.00 -7.42 0.16
N LYS A 165 3.68 -6.53 -0.78
CA LYS A 165 4.65 -5.53 -1.20
C LYS A 165 4.02 -4.17 -1.32
N ILE A 166 4.84 -3.13 -1.21
CA ILE A 166 4.33 -1.78 -1.38
C ILE A 166 4.36 -1.38 -2.85
N GLY A 167 3.29 -0.71 -3.28
CA GLY A 167 3.14 -0.08 -4.59
C GLY A 167 2.60 1.35 -4.46
N ASP A 168 1.99 1.85 -5.55
CA ASP A 168 1.37 3.18 -5.61
C ASP A 168 0.67 3.21 -6.95
N PHE A 169 -0.65 3.06 -6.97
CA PHE A 169 -1.42 3.04 -8.23
C PHE A 169 -1.46 4.42 -8.89
N GLY A 170 -1.47 5.48 -8.08
CA GLY A 170 -1.56 6.86 -8.57
C GLY A 170 -2.99 7.13 -8.94
N MET A 171 -3.58 6.18 -9.71
CA MET A 171 -4.96 6.12 -10.19
C MET A 171 -5.91 5.75 -9.02
N SER A 172 -5.35 5.51 -7.80
CA SER A 172 -6.10 5.20 -6.56
C SER A 172 -7.06 6.35 -6.30
N ARG A 173 -6.64 7.58 -6.69
CA ARG A 173 -7.37 8.83 -6.55
C ARG A 173 -8.60 8.85 -7.46
N ILE A 175 -11.37 3.64 -8.03
CA ILE A 175 -12.03 2.70 -7.12
C ILE A 175 -12.04 3.29 -5.70
N TYR A 176 -10.93 3.95 -5.33
CA TYR A 176 -10.77 4.50 -4.00
C TYR A 176 -10.81 6.03 -3.93
N SER A 177 -11.54 6.72 -4.85
CA SER A 177 -11.63 8.19 -4.81
C SER A 177 -12.16 8.68 -3.44
N THR A 178 -12.99 7.86 -2.75
CA THR A 178 -13.57 8.17 -1.43
C THR A 178 -12.50 8.29 -0.32
N ASP A 179 -11.30 7.74 -0.55
CA ASP A 179 -10.18 7.78 0.41
C ASP A 179 -9.40 9.07 0.27
N TYR A 180 -9.83 9.99 -0.62
CA TYR A 180 -9.12 11.25 -0.81
C TYR A 180 -10.03 12.44 -0.65
N TYR A 181 -9.47 13.54 -0.18
CA TYR A 181 -10.20 14.79 0.03
C TYR A 181 -9.56 15.90 -0.81
N ARG A 182 -10.39 16.66 -1.53
CA ARG A 182 -9.95 17.77 -2.37
C ARG A 182 -9.76 19.08 -1.60
N VAL A 183 -8.49 19.51 -1.44
CA VAL A 183 -8.14 20.77 -0.79
C VAL A 183 -6.82 21.31 -1.42
N GLY A 184 -6.92 22.17 -2.44
CA GLY A 184 -8.19 22.65 -2.99
C GLY A 184 -8.49 22.09 -4.37
N THR A 187 -5.60 19.56 -5.34
CA THR A 187 -4.86 18.36 -4.98
C THR A 187 -5.70 17.42 -4.09
N MET A 188 -5.67 16.11 -4.41
CA MET A 188 -6.40 15.07 -3.68
C MET A 188 -5.50 14.56 -2.57
N LEU A 189 -5.92 14.66 -1.31
CA LEU A 189 -5.09 14.20 -0.20
C LEU A 189 -5.75 13.08 0.60
N PRO A 190 -4.96 12.04 0.94
CA PRO A 190 -5.52 10.89 1.72
C PRO A 190 -5.56 11.27 3.23
N ILE A 191 -6.37 12.28 3.56
CA ILE A 191 -6.47 12.85 4.91
C ILE A 191 -6.64 11.82 6.04
N ARG A 192 -7.42 10.73 5.83
CA ARG A 192 -7.63 9.75 6.91
C ARG A 192 -6.33 9.04 7.32
N TRP A 193 -5.32 9.04 6.45
CA TRP A 193 -4.03 8.38 6.70
C TRP A 193 -2.95 9.37 7.12
N MET A 194 -3.30 10.65 7.16
CA MET A 194 -2.31 11.69 7.42
C MET A 194 -2.28 12.24 8.84
N PRO A 195 -1.08 12.66 9.31
CA PRO A 195 -1.00 13.25 10.65
C PRO A 195 -1.39 14.74 10.58
N PRO A 196 -1.56 15.38 11.75
CA PRO A 196 -1.97 16.80 11.76
C PRO A 196 -1.09 17.75 10.93
N GLU A 197 0.24 17.57 10.97
CA GLU A 197 1.15 18.51 10.26
C GLU A 197 1.05 18.38 8.75
N SER A 198 0.64 17.19 8.25
CA SER A 198 0.46 16.96 6.82
C SER A 198 -0.88 17.54 6.38
N ILE A 199 -1.92 17.37 7.21
CA ILE A 199 -3.25 17.95 6.87
C ILE A 199 -3.18 19.48 6.90
N LEU A 200 -2.56 20.03 7.95
CA LEU A 200 -2.52 21.47 8.13
C LEU A 200 -1.55 22.22 7.23
N TYR A 201 -0.32 21.69 7.05
CA TYR A 201 0.72 22.41 6.30
C TYR A 201 1.35 21.63 5.15
N ARG A 202 0.82 20.46 4.80
CA ARG A 202 1.39 19.63 3.73
C ARG A 202 2.83 19.29 4.02
N LYS A 203 3.16 19.01 5.29
CA LYS A 203 4.51 18.68 5.68
C LYS A 203 4.61 17.15 5.63
N PHE A 204 5.28 16.63 4.57
CA PHE A 204 5.40 15.18 4.33
C PHE A 204 6.81 14.76 4.56
N THR A 205 7.02 13.80 5.48
CA THR A 205 8.35 13.32 5.88
C THR A 205 8.28 11.81 6.18
N THR A 206 9.44 11.22 6.53
CA THR A 206 9.44 9.81 6.95
C THR A 206 8.55 9.65 8.22
N GLU A 207 8.40 10.74 9.03
CA GLU A 207 7.56 10.70 10.26
C GLU A 207 6.07 10.74 9.92
N SER A 208 5.66 11.39 8.80
CA SER A 208 4.24 11.34 8.40
C SER A 208 4.01 9.94 7.79
N ASP A 209 5.06 9.32 7.19
CA ASP A 209 4.87 7.97 6.66
C ASP A 209 4.71 6.99 7.81
N VAL A 210 5.44 7.19 8.94
CA VAL A 210 5.28 6.21 10.06
C VAL A 210 3.85 6.33 10.64
N TRP A 211 3.31 7.56 10.67
CA TRP A 211 1.94 7.80 11.13
C TRP A 211 0.98 6.98 10.24
N SER A 212 1.16 7.10 8.91
CA SER A 212 0.37 6.35 7.90
C SER A 212 0.53 4.84 8.12
N PHE A 213 1.73 4.38 8.52
CA PHE A 213 1.94 2.95 8.79
C PHE A 213 1.04 2.52 9.99
N GLY A 214 0.92 3.39 11.01
CA GLY A 214 0.07 3.07 12.17
C GLY A 214 -1.36 2.91 11.70
N VAL A 215 -1.76 3.77 10.75
CA VAL A 215 -3.12 3.68 10.17
C VAL A 215 -3.26 2.38 9.36
N VAL A 216 -2.21 1.99 8.61
CA VAL A 216 -2.21 0.72 7.85
C VAL A 216 -2.37 -0.45 8.84
N LEU A 217 -1.68 -0.38 9.99
CA LEU A 217 -1.82 -1.44 11.01
C LEU A 217 -3.30 -1.52 11.45
N TRP A 218 -3.95 -0.34 11.61
CA TRP A 218 -5.36 -0.30 11.99
C TRP A 218 -6.23 -0.92 10.87
N GLU A 219 -5.93 -0.62 9.59
CA GLU A 219 -6.70 -1.21 8.48
C GLU A 219 -6.51 -2.73 8.48
N ILE A 220 -5.27 -3.18 8.71
CA ILE A 220 -5.01 -4.63 8.72
C ILE A 220 -5.85 -5.32 9.80
N PHE A 221 -5.82 -4.77 11.03
CA PHE A 221 -6.52 -5.41 12.14
C PHE A 221 -8.04 -5.20 12.16
N THR A 222 -8.58 -4.39 11.25
CA THR A 222 -10.05 -4.23 11.11
C THR A 222 -10.49 -4.96 9.82
N TYR A 223 -9.57 -5.70 9.17
CA TYR A 223 -9.82 -6.40 7.91
C TYR A 223 -10.25 -5.43 6.79
N GLY A 224 -9.57 -4.29 6.72
CA GLY A 224 -9.75 -3.30 5.66
C GLY A 224 -10.75 -2.20 5.83
N LYS A 225 -11.26 -1.95 7.05
CA LYS A 225 -12.21 -0.85 7.21
C LYS A 225 -11.55 0.49 6.90
N GLN A 226 -12.35 1.46 6.42
CA GLN A 226 -11.80 2.79 6.16
C GLN A 226 -11.59 3.49 7.54
N PRO A 227 -10.41 4.10 7.79
CA PRO A 227 -10.22 4.81 9.09
C PRO A 227 -11.23 5.94 9.18
N TRP A 228 -11.84 6.11 10.37
CA TRP A 228 -12.84 7.18 10.61
C TRP A 228 -14.08 6.98 9.75
N TYR A 229 -14.41 5.73 9.39
CA TYR A 229 -15.55 5.42 8.50
C TYR A 229 -16.87 6.07 8.95
N GLN A 230 -17.06 6.29 10.25
CA GLN A 230 -18.28 6.91 10.82
C GLN A 230 -18.40 8.39 10.48
N LEU A 231 -17.29 9.00 10.04
CA LEU A 231 -17.18 10.44 9.79
C LEU A 231 -17.03 10.90 8.35
N SER A 232 -17.55 12.11 8.06
CA SER A 232 -17.40 12.76 6.77
C SER A 232 -15.92 13.23 6.70
N ASN A 233 -15.47 13.63 5.51
CA ASN A 233 -14.09 14.14 5.36
C ASN A 233 -13.80 15.32 6.29
N THR A 234 -14.75 16.26 6.41
CA THR A 234 -14.53 17.44 7.26
C THR A 234 -14.50 17.06 8.73
N GLU A 235 -15.34 16.11 9.14
CA GLU A 235 -15.37 15.61 10.53
C GLU A 235 -14.08 14.87 10.83
N ALA A 236 -13.57 14.06 9.86
CA ALA A 236 -12.29 13.33 10.06
C ALA A 236 -11.13 14.29 10.19
N ILE A 237 -11.07 15.34 9.35
CA ILE A 237 -9.98 16.32 9.46
C ILE A 237 -9.99 16.94 10.86
N ASP A 238 -11.19 17.30 11.36
CA ASP A 238 -11.31 17.93 12.68
CA ASP A 238 -11.40 17.91 12.68
C ASP A 238 -10.89 16.96 13.79
N CYS A 239 -11.32 15.68 13.72
CA CYS A 239 -10.91 14.68 14.71
C CYS A 239 -9.39 14.50 14.77
N ILE A 240 -8.77 14.34 13.59
CA ILE A 240 -7.32 14.15 13.48
C ILE A 240 -6.54 15.36 14.05
N THR A 241 -6.88 16.57 13.60
CA THR A 241 -6.15 17.76 14.06
C THR A 241 -6.37 18.00 15.58
N GLN A 242 -7.53 17.60 16.13
CA GLN A 242 -7.85 17.69 17.57
C GLN A 242 -7.05 16.65 18.40
N GLY A 243 -6.50 15.64 17.73
CA GLY A 243 -5.68 14.60 18.37
C GLY A 243 -6.44 13.33 18.70
N ARG A 244 -7.59 13.09 18.09
CA ARG A 244 -8.37 11.87 18.39
C ARG A 244 -7.70 10.63 17.85
N GLU A 245 -7.71 9.53 18.61
CA GLU A 245 -7.06 8.32 18.11
C GLU A 245 -8.10 7.29 17.66
N LEU A 246 -7.78 6.55 16.62
CA LEU A 246 -8.68 5.49 16.18
C LEU A 246 -8.77 4.43 17.33
N GLU A 247 -9.95 3.85 17.49
CA GLU A 247 -10.30 2.84 18.48
C GLU A 247 -9.53 1.54 18.24
N ARG A 248 -9.20 0.83 19.30
CA ARG A 248 -8.50 -0.44 19.12
C ARG A 248 -9.45 -1.47 18.42
N PRO A 249 -9.01 -2.07 17.29
CA PRO A 249 -9.86 -3.07 16.62
C PRO A 249 -10.11 -4.30 17.50
N ARG A 250 -11.27 -4.96 17.34
CA ARG A 250 -11.61 -6.19 18.09
C ARG A 250 -10.52 -7.27 17.92
N ALA A 251 -9.99 -7.44 16.68
CA ALA A 251 -8.97 -8.45 16.40
C ALA A 251 -7.54 -7.98 16.76
N CYS A 252 -7.39 -6.74 17.23
CA CYS A 252 -6.07 -6.21 17.56
C CYS A 252 -5.62 -6.53 19.00
N PRO A 253 -4.51 -7.28 19.20
CA PRO A 253 -4.02 -7.51 20.58
C PRO A 253 -3.54 -6.18 21.18
N PRO A 254 -3.54 -6.02 22.51
CA PRO A 254 -3.06 -4.76 23.11
C PRO A 254 -1.64 -4.39 22.69
N GLU A 255 -0.73 -5.39 22.51
CA GLU A 255 0.65 -5.12 22.10
C GLU A 255 0.72 -4.47 20.72
N VAL A 256 -0.22 -4.82 19.83
CA VAL A 256 -0.24 -4.25 18.49
C VAL A 256 -0.83 -2.83 18.54
N TYR A 257 -1.82 -2.61 19.43
CA TYR A 257 -2.36 -1.27 19.58
C TYR A 257 -1.31 -0.32 20.15
N ALA A 258 -0.43 -0.80 21.05
CA ALA A 258 0.64 0.03 21.61
C ALA A 258 1.60 0.46 20.47
N ILE A 259 1.85 -0.45 19.48
CA ILE A 259 2.71 -0.10 18.33
C ILE A 259 2.01 1.03 17.50
N MET A 260 0.68 0.90 17.25
CA MET A 260 -0.06 1.95 16.52
C MET A 260 0.10 3.30 17.25
N ARG A 261 -0.06 3.27 18.59
CA ARG A 261 0.05 4.48 19.42
C ARG A 261 1.42 5.12 19.33
N GLY A 262 2.46 4.28 19.21
CA GLY A 262 3.84 4.76 19.04
C GLY A 262 4.01 5.51 17.71
N CYS A 263 3.30 5.06 16.65
CA CYS A 263 3.33 5.73 15.33
C CYS A 263 2.55 7.04 15.38
N TRP A 264 1.60 7.15 16.33
CA TRP A 264 0.66 8.27 16.40
C TRP A 264 0.98 9.33 17.44
N GLN A 265 2.23 9.40 17.87
CA GLN A 265 2.62 10.48 18.80
C GLN A 265 2.38 11.82 18.06
N ARG A 266 1.81 12.83 18.78
CA ARG A 266 1.52 14.10 18.10
C ARG A 266 2.75 14.76 17.46
N GLU A 267 3.87 14.86 18.17
CA GLU A 267 5.09 15.48 17.65
C GLU A 267 5.74 14.50 16.69
N PRO A 268 6.02 14.88 15.43
CA PRO A 268 6.64 13.94 14.47
C PRO A 268 7.93 13.31 15.00
N GLN A 269 8.78 14.11 15.69
CA GLN A 269 10.05 13.62 16.23
CA GLN A 269 10.06 13.59 16.23
C GLN A 269 9.89 12.59 17.37
N GLN A 270 8.70 12.54 17.99
CA GLN A 270 8.42 11.64 19.08
C GLN A 270 7.92 10.26 18.58
N ARG A 271 7.52 10.17 17.29
CA ARG A 271 7.01 8.89 16.76
C ARG A 271 8.13 7.84 16.71
N HIS A 272 7.77 6.58 16.97
CA HIS A 272 8.76 5.51 16.92
C HIS A 272 9.33 5.40 15.52
N SER A 273 10.59 4.93 15.38
CA SER A 273 11.12 4.79 14.01
C SER A 273 10.52 3.57 13.37
N ILE A 274 10.43 3.57 12.04
CA ILE A 274 9.88 2.41 11.31
C ILE A 274 10.76 1.16 11.55
N LYS A 275 12.07 1.35 11.78
CA LYS A 275 12.96 0.21 12.05
C LYS A 275 12.54 -0.46 13.38
N ASP A 276 12.23 0.35 14.41
CA ASP A 276 11.80 -0.19 15.70
C ASP A 276 10.41 -0.87 15.61
N VAL A 277 9.49 -0.23 14.88
CA VAL A 277 8.14 -0.76 14.62
C VAL A 277 8.27 -2.14 13.90
N HIS A 278 9.10 -2.20 12.83
CA HIS A 278 9.30 -3.47 12.11
C HIS A 278 9.88 -4.54 13.05
N ALA A 279 10.92 -4.17 13.85
CA ALA A 279 11.54 -5.09 14.82
C ALA A 279 10.50 -5.66 15.81
N ARG A 280 9.59 -4.80 16.34
CA ARG A 280 8.57 -5.24 17.29
C ARG A 280 7.54 -6.19 16.60
N LEU A 281 7.10 -5.85 15.37
CA LEU A 281 6.13 -6.74 14.65
C LEU A 281 6.78 -8.09 14.34
N GLN A 282 8.05 -8.09 13.89
CA GLN A 282 8.79 -9.33 13.61
C GLN A 282 8.88 -10.20 14.88
N ALA A 283 9.18 -9.57 16.03
CA ALA A 283 9.28 -10.27 17.32
C ALA A 283 7.94 -10.91 17.71
N LEU A 284 6.83 -10.18 17.50
CA LEU A 284 5.49 -10.70 17.79
C LEU A 284 5.14 -11.82 16.81
N ALA A 285 5.51 -11.67 15.52
CA ALA A 285 5.25 -12.71 14.51
C ALA A 285 6.03 -13.98 14.92
N GLN A 286 7.31 -13.83 15.30
CA GLN A 286 8.16 -14.95 15.73
C GLN A 286 7.60 -15.66 16.94
N ALA A 287 7.09 -14.90 17.93
CA ALA A 287 6.52 -15.48 19.14
C ALA A 287 5.23 -16.28 18.91
N HIS A 288 4.47 -15.94 17.84
CA HIS A 288 3.21 -16.59 17.52
CA HIS A 288 3.21 -16.60 17.51
C HIS A 288 3.32 -17.71 16.47
N HIS A 289 4.45 -17.83 15.74
CA HIS A 289 4.65 -18.83 14.68
C HIS A 289 4.22 -20.25 15.04
N HIS A 290 4.61 -20.73 16.21
CA HIS A 290 4.30 -22.10 16.58
C HIS A 290 3.03 -22.21 17.40
N HIS A 291 2.31 -21.09 17.61
CA HIS A 291 1.08 -21.10 18.42
C HIS A 291 -0.10 -20.48 17.69
#